data_3U7K
#
_entry.id   3U7K
#
_cell.length_a   93.776
_cell.length_b   120.269
_cell.length_c   47.753
_cell.angle_alpha   90.00
_cell.angle_beta   90.00
_cell.angle_gamma   90.00
#
_symmetry.space_group_name_H-M   'C 2 2 21'
#
loop_
_entity.id
_entity.type
_entity.pdbx_description
1 polymer 'Peptide deformylase'
2 non-polymer (S)-N-(cyclopentylmethyl)-N-(2-(hydroxyamino)-2-oxoethyl)-2-(3-(2-methoxyphenyl)ureido)-3,3-dimethylbutanamide
3 non-polymer 'ZINC ION'
4 water water
#
_entity_poly.entity_id   1
_entity_poly.type   'polypeptide(L)'
_entity_poly.pdbx_seq_one_letter_code
;MLTMKDIIRDGHPTLRQKAAELELPLTKEEKETLIAMREFLVNSQDEEIAKRYGLRSGVGLAAPQINISKRMIAVLIPDD
GSGKSYDYMLVNPKIVSHSVQEAYLPTGEG(CSD)LSVDDNVAGLVHRHNRITIKAKDIEGNDIQLRLKGYPAIVFQHEI
DHLNGVMFYDHIDKDHPLQPHTDAVEVLEHHHHHH
;
_entity_poly.pdbx_strand_id   A
#
loop_
_chem_comp.id
_chem_comp.type
_chem_comp.name
_chem_comp.formula
MDB non-polymer (S)-N-(cyclopentylmethyl)-N-(2-(hydroxyamino)-2-oxoethyl)-2-(3-(2-methoxyphenyl)ureido)-3,3-dimethylbutanamide 'C22 H34 N4 O5'
ZN non-polymer 'ZINC ION' 'Zn 2'
#
# COMPACT_ATOMS: atom_id res chain seq x y z
N MET A 1 -0.16 -16.85 11.79
CA MET A 1 0.06 -16.53 10.36
C MET A 1 -1.18 -15.90 9.75
N LEU A 2 -1.05 -14.66 9.27
CA LEU A 2 -2.17 -14.01 8.58
C LEU A 2 -2.38 -14.64 7.22
N THR A 3 -3.64 -14.78 6.81
CA THR A 3 -3.97 -15.28 5.46
C THR A 3 -5.10 -14.44 4.87
N MET A 4 -5.65 -14.87 3.73
CA MET A 4 -6.75 -14.12 3.12
C MET A 4 -7.98 -13.92 4.04
N LYS A 5 -8.22 -14.86 4.95
CA LYS A 5 -9.37 -14.72 5.88
C LYS A 5 -9.25 -13.55 6.87
N ASP A 6 -8.03 -13.04 7.04
CA ASP A 6 -7.78 -11.86 7.88
C ASP A 6 -7.99 -10.56 7.12
N ILE A 7 -8.04 -10.66 5.80
CA ILE A 7 -8.23 -9.49 4.96
C ILE A 7 -9.70 -9.17 4.79
N ILE A 8 -10.14 -8.04 5.33
CA ILE A 8 -11.54 -7.66 5.25
C ILE A 8 -11.87 -7.16 3.84
N ARG A 9 -13.15 -7.30 3.49
CA ARG A 9 -13.63 -7.10 2.14
C ARG A 9 -14.23 -5.69 1.98
N ASP A 10 -14.07 -5.13 0.78
CA ASP A 10 -14.71 -3.86 0.48
C ASP A 10 -16.19 -3.90 0.91
N GLY A 11 -16.64 -2.83 1.57
CA GLY A 11 -17.96 -2.80 2.21
C GLY A 11 -17.85 -2.78 3.72
N HIS A 12 -16.77 -3.36 4.25
CA HIS A 12 -16.50 -3.32 5.68
C HIS A 12 -16.20 -1.88 6.13
N PRO A 13 -16.94 -1.38 7.14
CA PRO A 13 -16.80 0.00 7.60
C PRO A 13 -15.35 0.46 7.95
N THR A 14 -14.55 -0.44 8.50
CA THR A 14 -13.17 -0.08 8.89
C THR A 14 -12.36 0.47 7.70
N LEU A 15 -12.65 0.00 6.49
CA LEU A 15 -11.89 0.42 5.31
C LEU A 15 -12.21 1.85 4.89
N ARG A 16 -13.27 2.43 5.44
CA ARG A 16 -13.68 3.82 5.13
C ARG A 16 -13.46 4.78 6.31
N GLN A 17 -12.88 4.26 7.39
CA GLN A 17 -12.51 5.09 8.53
C GLN A 17 -11.13 5.73 8.35
N LYS A 18 -10.87 6.78 9.13
CA LYS A 18 -9.54 7.37 9.21
C LYS A 18 -8.77 6.69 10.36
N ALA A 19 -7.68 5.99 10.02
CA ALA A 19 -6.95 5.21 11.01
C ALA A 19 -6.26 6.12 12.03
N ALA A 20 -6.11 5.61 13.25
CA ALA A 20 -5.55 6.44 14.32
C ALA A 20 -4.02 6.45 14.29
N GLU A 21 -3.45 7.62 14.52
CA GLU A 21 -2.02 7.78 14.77
C GLU A 21 -1.57 6.82 15.87
N LEU A 22 -0.37 6.28 15.71
CA LEU A 22 0.23 5.46 16.74
C LEU A 22 0.98 6.32 17.74
N GLU A 23 0.83 5.99 19.01
CA GLU A 23 1.73 6.49 20.03
C GLU A 23 3.02 5.69 20.00
N LEU A 24 4.15 6.37 20.19
CA LEU A 24 5.44 5.69 20.26
C LEU A 24 5.94 5.70 21.70
N PRO A 25 6.60 4.60 22.16
CA PRO A 25 6.84 3.37 21.38
C PRO A 25 5.60 2.53 21.16
N LEU A 26 5.64 1.71 20.12
CA LEU A 26 4.60 0.72 19.86
C LEU A 26 4.48 -0.25 21.02
N THR A 27 3.26 -0.72 21.30
CA THR A 27 3.13 -1.85 22.21
C THR A 27 3.69 -3.11 21.56
N LYS A 28 3.94 -4.13 22.39
CA LYS A 28 4.35 -5.45 21.89
C LYS A 28 3.39 -6.04 20.85
N GLU A 29 2.09 -5.93 21.11
CA GLU A 29 1.05 -6.44 20.19
C GLU A 29 1.03 -5.69 18.84
N GLU A 30 1.23 -4.38 18.90
CA GLU A 30 1.37 -3.55 17.72
C GLU A 30 2.58 -3.90 16.86
N LYS A 31 3.72 -4.15 17.49
CA LYS A 31 4.92 -4.61 16.77
C LYS A 31 4.67 -5.97 16.13
N GLU A 32 4.05 -6.88 16.87
CA GLU A 32 3.78 -8.23 16.38
C GLU A 32 2.79 -8.18 15.19
N THR A 33 1.80 -7.28 15.28
CA THR A 33 0.89 -7.01 14.16
C THR A 33 1.66 -6.50 12.91
N LEU A 34 2.51 -5.51 13.10
CA LEU A 34 3.25 -4.95 11.98
C LEU A 34 4.15 -6.00 11.32
N ILE A 35 4.88 -6.75 12.16
CA ILE A 35 5.72 -7.88 11.68
C ILE A 35 4.93 -8.94 10.92
N ALA A 36 3.74 -9.31 11.43
CA ALA A 36 2.86 -10.26 10.74
C ALA A 36 2.32 -9.72 9.40
N MET A 37 2.08 -8.41 9.32
CA MET A 37 1.66 -7.76 8.07
C MET A 37 2.74 -7.90 7.02
N ARG A 38 3.98 -7.62 7.41
CA ARG A 38 5.13 -7.86 6.54
C ARG A 38 5.22 -9.36 6.19
N GLU A 39 5.06 -10.22 7.19
CA GLU A 39 5.20 -11.67 6.98
C GLU A 39 4.17 -12.20 5.98
N PHE A 40 2.95 -11.66 6.03
CA PHE A 40 1.91 -11.96 5.03
C PHE A 40 2.42 -11.69 3.61
N LEU A 41 2.99 -10.51 3.42
CA LEU A 41 3.59 -10.18 2.13
C LEU A 41 4.72 -11.15 1.74
N VAL A 42 5.62 -11.45 2.68
CA VAL A 42 6.68 -12.42 2.45
C VAL A 42 6.11 -13.78 2.01
N ASN A 43 5.15 -14.29 2.78
CA ASN A 43 4.52 -15.59 2.49
C ASN A 43 3.83 -15.58 1.15
N SER A 44 3.16 -14.46 0.84
CA SER A 44 2.41 -14.30 -0.40
C SER A 44 3.33 -14.34 -1.62
N GLN A 45 4.61 -14.01 -1.41
CA GLN A 45 5.59 -13.94 -2.50
C GLN A 45 6.39 -15.24 -2.62
N ASP A 46 6.13 -16.18 -1.71
CA ASP A 46 6.72 -17.50 -1.80
C ASP A 46 5.75 -18.41 -2.56
N GLU A 47 6.16 -18.86 -3.75
CA GLU A 47 5.23 -19.61 -4.61
C GLU A 47 4.58 -20.80 -3.88
N GLU A 48 5.39 -21.55 -3.13
CA GLU A 48 4.91 -22.75 -2.45
C GLU A 48 3.97 -22.42 -1.26
N ILE A 49 4.40 -21.50 -0.39
CA ILE A 49 3.54 -21.07 0.73
C ILE A 49 2.24 -20.42 0.22
N ALA A 50 2.35 -19.54 -0.78
CA ALA A 50 1.17 -18.87 -1.36
C ALA A 50 0.18 -19.87 -1.98
N LYS A 51 0.71 -20.91 -2.63
CA LYS A 51 -0.14 -22.00 -3.14
C LYS A 51 -0.84 -22.74 -2.01
N ARG A 52 -0.07 -23.17 -1.01
CA ARG A 52 -0.59 -23.93 0.12
C ARG A 52 -1.73 -23.20 0.88
N TYR A 53 -1.60 -21.88 1.02
CA TYR A 53 -2.53 -21.12 1.85
C TYR A 53 -3.43 -20.20 1.06
N GLY A 54 -3.49 -20.41 -0.25
CA GLY A 54 -4.33 -19.60 -1.16
C GLY A 54 -4.09 -18.10 -1.12
N LEU A 55 -2.84 -17.68 -1.01
CA LEU A 55 -2.51 -16.24 -0.91
C LEU A 55 -2.33 -15.58 -2.28
N ARG A 56 -2.96 -14.43 -2.46
CA ARG A 56 -2.69 -13.52 -3.58
C ARG A 56 -1.36 -12.84 -3.31
N SER A 57 -0.49 -12.82 -4.33
CA SER A 57 0.87 -12.26 -4.23
C SER A 57 0.81 -10.75 -4.04
N GLY A 58 1.17 -10.30 -2.84
CA GLY A 58 1.00 -8.91 -2.44
C GLY A 58 2.29 -8.12 -2.34
N VAL A 59 2.20 -6.81 -2.63
CA VAL A 59 3.34 -5.90 -2.48
C VAL A 59 3.13 -4.86 -1.36
N GLY A 60 1.92 -4.79 -0.81
CA GLY A 60 1.62 -3.83 0.23
C GLY A 60 0.42 -4.25 1.05
N LEU A 61 0.41 -3.81 2.31
CA LEU A 61 -0.71 -4.03 3.24
C LEU A 61 -0.79 -2.91 4.27
N ALA A 62 -2.01 -2.45 4.53
CA ALA A 62 -2.23 -1.40 5.54
C ALA A 62 -3.02 -2.02 6.68
N ALA A 63 -2.79 -1.56 7.91
CA ALA A 63 -3.47 -2.16 9.05
C ALA A 63 -5.03 -2.18 8.91
N PRO A 64 -5.64 -1.10 8.38
CA PRO A 64 -7.10 -1.18 8.17
C PRO A 64 -7.57 -2.42 7.41
N GLN A 65 -6.78 -2.89 6.44
CA GLN A 65 -7.15 -4.07 5.66
C GLN A 65 -7.23 -5.36 6.48
N ILE A 66 -6.59 -5.40 7.65
CA ILE A 66 -6.80 -6.54 8.57
C ILE A 66 -7.67 -6.12 9.76
N ASN A 67 -8.50 -5.11 9.53
CA ASN A 67 -9.47 -4.60 10.50
C ASN A 67 -8.81 -3.95 11.71
N ILE A 68 -7.65 -3.32 11.49
CA ILE A 68 -6.98 -2.62 12.56
C ILE A 68 -6.82 -1.14 12.17
N SER A 69 -7.58 -0.27 12.82
CA SER A 69 -7.64 1.15 12.44
C SER A 69 -6.46 1.95 13.02
N LYS A 70 -5.25 1.60 12.59
CA LYS A 70 -4.03 2.24 13.06
C LYS A 70 -3.14 2.56 11.86
N ARG A 71 -2.40 3.66 11.96
CA ARG A 71 -1.61 4.16 10.84
C ARG A 71 -0.29 3.43 10.73
N MET A 72 -0.39 2.17 10.29
CA MET A 72 0.77 1.30 10.07
C MET A 72 0.63 0.61 8.73
N ILE A 73 1.73 0.51 7.99
CA ILE A 73 1.74 -0.14 6.68
C ILE A 73 3.00 -0.98 6.51
N ALA A 74 2.89 -2.01 5.68
CA ALA A 74 4.07 -2.78 5.23
C ALA A 74 4.11 -2.77 3.73
N VAL A 75 5.31 -2.64 3.16
CA VAL A 75 5.48 -2.62 1.72
C VAL A 75 6.65 -3.54 1.44
N LEU A 76 6.45 -4.42 0.47
CA LEU A 76 7.45 -5.41 0.08
C LEU A 76 7.42 -5.57 -1.44
N ILE A 77 8.31 -4.87 -2.11
CA ILE A 77 8.36 -4.84 -3.56
C ILE A 77 9.68 -5.48 -3.96
N PRO A 78 9.63 -6.60 -4.71
CA PRO A 78 10.89 -7.24 -5.04
C PRO A 78 11.65 -6.45 -6.10
N ASP A 79 12.94 -6.75 -6.21
CA ASP A 79 13.80 -6.18 -7.23
C ASP A 79 13.11 -6.10 -8.60
N ASP A 80 13.02 -4.87 -9.12
CA ASP A 80 12.38 -4.58 -10.41
C ASP A 80 13.29 -4.87 -11.60
N GLY A 81 14.46 -5.47 -11.33
CA GLY A 81 15.46 -5.74 -12.35
C GLY A 81 16.69 -4.83 -12.24
N SER A 82 16.50 -3.68 -11.60
CA SER A 82 17.54 -2.63 -11.50
C SER A 82 18.32 -2.69 -10.20
N GLY A 83 18.05 -3.70 -9.39
CA GLY A 83 18.65 -3.80 -8.07
C GLY A 83 17.92 -2.98 -7.01
N LYS A 84 16.89 -2.23 -7.40
CA LYS A 84 16.10 -1.47 -6.42
C LYS A 84 14.98 -2.36 -5.87
N SER A 85 14.94 -2.49 -4.55
CA SER A 85 13.84 -3.21 -3.89
C SER A 85 13.41 -2.46 -2.62
N TYR A 86 12.19 -2.74 -2.16
CA TYR A 86 11.61 -1.97 -1.05
C TYR A 86 11.01 -2.90 -0.02
N ASP A 87 11.57 -2.83 1.18
CA ASP A 87 11.11 -3.64 2.29
C ASP A 87 11.02 -2.71 3.48
N TYR A 88 9.80 -2.24 3.77
CA TYR A 88 9.55 -1.24 4.80
C TYR A 88 8.29 -1.52 5.62
N MET A 89 8.46 -1.50 6.92
CA MET A 89 7.33 -1.40 7.85
C MET A 89 7.31 0.02 8.41
N LEU A 90 6.28 0.80 8.08
CA LEU A 90 6.21 2.20 8.50
C LEU A 90 5.09 2.49 9.48
N VAL A 91 5.42 3.34 10.44
CA VAL A 91 4.48 3.84 11.46
C VAL A 91 4.25 5.33 11.26
N ASN A 92 2.97 5.71 11.25
CA ASN A 92 2.53 7.07 11.04
C ASN A 92 3.15 7.70 9.77
N PRO A 93 3.13 6.97 8.64
CA PRO A 93 3.74 7.56 7.45
C PRO A 93 2.93 8.77 6.97
N LYS A 94 3.65 9.77 6.47
CA LYS A 94 3.04 10.99 5.96
C LYS A 94 3.79 11.45 4.71
N ILE A 95 3.07 11.68 3.62
CA ILE A 95 3.66 12.34 2.45
C ILE A 95 3.88 13.81 2.80
N VAL A 96 5.15 14.24 2.82
CA VAL A 96 5.46 15.62 3.23
C VAL A 96 5.69 16.56 2.04
N SER A 97 6.01 15.95 0.90
CA SER A 97 6.17 16.70 -0.34
C SER A 97 5.99 15.77 -1.55
N HIS A 98 5.71 16.35 -2.71
CA HIS A 98 5.51 15.53 -3.89
C HIS A 98 5.66 16.33 -5.18
N SER A 99 5.87 15.60 -6.28
CA SER A 99 5.89 16.22 -7.61
C SER A 99 4.50 16.70 -8.01
N VAL A 100 4.45 17.71 -8.85
CA VAL A 100 3.23 18.06 -9.58
C VAL A 100 2.97 16.98 -10.65
N GLN A 101 4.02 16.50 -11.29
CA GLN A 101 3.87 15.45 -12.31
C GLN A 101 3.23 14.16 -11.75
N GLU A 102 2.26 13.65 -12.51
CA GLU A 102 1.56 12.43 -12.12
C GLU A 102 2.15 11.18 -12.78
N ALA A 103 1.73 10.02 -12.27
CA ALA A 103 2.15 8.73 -12.78
C ALA A 103 0.98 7.78 -12.61
N TYR A 104 0.95 6.74 -13.44
CA TYR A 104 -0.11 5.75 -13.36
C TYR A 104 0.39 4.42 -13.90
N LEU A 105 -0.13 3.35 -13.31
CA LEU A 105 0.04 2.01 -13.87
C LEU A 105 -0.89 1.85 -15.08
N PRO A 106 -0.36 1.36 -16.21
CA PRO A 106 -1.15 1.39 -17.46
C PRO A 106 -2.42 0.54 -17.43
N THR A 107 -2.46 -0.48 -16.58
CA THR A 107 -3.62 -1.34 -16.43
C THR A 107 -4.50 -1.02 -15.21
N GLY A 108 -4.23 0.11 -14.56
CA GLY A 108 -5.01 0.49 -13.38
C GLY A 108 -4.41 -0.17 -12.15
N GLU A 109 -5.23 -0.27 -11.10
CA GLU A 109 -4.78 -0.91 -9.87
C GLU A 109 -5.78 -1.97 -9.42
N GLY A 110 -5.43 -2.64 -8.33
CA GLY A 110 -6.27 -3.62 -7.68
C GLY A 110 -6.01 -3.48 -6.20
N CSD A 111 -6.63 -4.35 -5.40
CA CSD A 111 -6.56 -4.26 -3.95
CB CSD A 111 -7.56 -3.20 -3.51
SG CSD A 111 -7.33 -2.73 -1.87
C CSD A 111 -6.84 -5.60 -3.32
O CSD A 111 -7.72 -6.33 -3.77
OD1 CSD A 111 -8.29 -1.65 -1.67
OD2 CSD A 111 -7.41 -3.82 -0.63
N LEU A 112 -6.08 -5.94 -2.26
CA LEU A 112 -6.31 -7.17 -1.52
C LEU A 112 -7.74 -7.27 -0.95
N SER A 113 -8.34 -6.11 -0.68
CA SER A 113 -9.69 -6.08 -0.10
C SER A 113 -10.80 -6.05 -1.15
N VAL A 114 -10.45 -5.94 -2.43
CA VAL A 114 -11.44 -5.87 -3.50
C VAL A 114 -11.34 -7.12 -4.36
N ASP A 115 -12.42 -7.91 -4.38
CA ASP A 115 -12.40 -9.20 -5.06
C ASP A 115 -12.41 -9.11 -6.58
N ASP A 116 -13.13 -8.13 -7.10
CA ASP A 116 -13.25 -7.97 -8.55
C ASP A 116 -12.47 -6.76 -9.05
N ASN A 117 -11.77 -6.94 -10.16
CA ASN A 117 -11.12 -5.85 -10.87
C ASN A 117 -12.03 -4.68 -11.23
N VAL A 118 -11.50 -3.47 -11.11
CA VAL A 118 -12.18 -2.27 -11.56
C VAL A 118 -11.25 -1.61 -12.57
N ALA A 119 -11.75 -1.44 -13.79
CA ALA A 119 -10.97 -0.83 -14.86
C ALA A 119 -10.83 0.68 -14.64
N GLY A 120 -9.69 1.25 -15.03
CA GLY A 120 -9.52 2.69 -14.96
C GLY A 120 -8.16 3.11 -14.41
N LEU A 121 -7.67 4.23 -14.91
CA LEU A 121 -6.36 4.72 -14.49
C LEU A 121 -6.44 5.40 -13.12
N VAL A 122 -5.42 5.19 -12.29
CA VAL A 122 -5.37 5.81 -10.98
C VAL A 122 -4.13 6.70 -10.99
N HIS A 123 -4.37 8.01 -11.16
CA HIS A 123 -3.27 8.97 -11.26
C HIS A 123 -2.78 9.33 -9.86
N ARG A 124 -1.48 9.25 -9.67
CA ARG A 124 -0.81 9.47 -8.39
C ARG A 124 0.40 10.35 -8.63
N HIS A 125 1.06 10.82 -7.56
CA HIS A 125 2.24 11.65 -7.78
C HIS A 125 3.39 10.76 -8.24
N ASN A 126 4.15 11.21 -9.23
CA ASN A 126 5.26 10.42 -9.73
C ASN A 126 6.36 10.31 -8.69
N ARG A 127 6.57 11.40 -7.95
CA ARG A 127 7.60 11.44 -6.90
C ARG A 127 6.98 11.94 -5.59
N ILE A 128 7.33 11.27 -4.50
CA ILE A 128 6.89 11.65 -3.16
C ILE A 128 8.06 11.54 -2.16
N THR A 129 7.99 12.31 -1.09
CA THR A 129 8.89 12.20 0.05
C THR A 129 7.98 11.88 1.23
N ILE A 130 8.32 10.81 1.95
CA ILE A 130 7.55 10.36 3.09
C ILE A 130 8.41 10.48 4.33
N LYS A 131 7.82 11.00 5.40
CA LYS A 131 8.42 10.86 6.74
C LYS A 131 7.55 9.90 7.54
N ALA A 132 8.20 9.07 8.35
CA ALA A 132 7.54 8.04 9.14
C ALA A 132 8.46 7.65 10.28
N LYS A 133 7.95 6.81 11.19
CA LYS A 133 8.77 6.12 12.18
C LYS A 133 8.88 4.69 11.74
N ASP A 134 9.93 4.01 12.17
CA ASP A 134 10.00 2.57 11.99
C ASP A 134 9.43 1.86 13.22
N ILE A 135 9.49 0.54 13.23
CA ILE A 135 8.83 -0.26 14.28
C ILE A 135 9.40 0.03 15.67
N GLU A 136 10.66 0.47 15.72
CA GLU A 136 11.31 0.82 16.99
C GLU A 136 11.22 2.31 17.31
N GLY A 137 10.46 3.05 16.51
CA GLY A 137 10.24 4.48 16.74
C GLY A 137 11.34 5.39 16.23
N ASN A 138 12.28 4.83 15.47
CA ASN A 138 13.30 5.62 14.81
C ASN A 138 12.76 6.29 13.55
N ASP A 139 13.45 7.33 13.07
CA ASP A 139 12.95 8.16 11.98
C ASP A 139 13.39 7.64 10.63
N ILE A 140 12.44 7.62 9.68
CA ILE A 140 12.72 7.20 8.31
C ILE A 140 12.17 8.32 7.42
N GLN A 141 12.97 8.72 6.43
CA GLN A 141 12.50 9.62 5.37
C GLN A 141 12.81 8.98 4.02
N LEU A 142 11.76 8.71 3.25
CA LEU A 142 11.90 8.04 1.95
C LEU A 142 11.70 9.04 0.81
N ARG A 143 12.56 8.97 -0.19
CA ARG A 143 12.31 9.61 -1.48
C ARG A 143 12.04 8.50 -2.51
N LEU A 144 10.81 8.51 -3.04
CA LEU A 144 10.34 7.44 -3.93
C LEU A 144 9.87 8.01 -5.25
N LYS A 145 9.98 7.19 -6.29
CA LYS A 145 9.61 7.58 -7.64
C LYS A 145 8.98 6.41 -8.40
N GLY A 146 7.97 6.70 -9.21
CA GLY A 146 7.39 5.67 -10.06
C GLY A 146 6.67 4.61 -9.27
N TYR A 147 6.96 3.35 -9.58
CA TYR A 147 6.18 2.24 -9.03
C TYR A 147 6.09 2.24 -7.48
N PRO A 148 7.24 2.35 -6.78
CA PRO A 148 7.13 2.33 -5.32
C PRO A 148 6.38 3.55 -4.79
N ALA A 149 6.49 4.69 -5.47
CA ALA A 149 5.70 5.87 -5.04
C ALA A 149 4.20 5.56 -5.15
N ILE A 150 3.83 4.89 -6.22
CA ILE A 150 2.44 4.47 -6.40
C ILE A 150 1.99 3.52 -5.30
N VAL A 151 2.81 2.50 -5.01
CA VAL A 151 2.47 1.53 -3.97
C VAL A 151 2.29 2.19 -2.60
N PHE A 152 3.24 3.05 -2.21
CA PHE A 152 3.14 3.73 -0.91
C PHE A 152 1.90 4.63 -0.82
N GLN A 153 1.58 5.29 -1.93
CA GLN A 153 0.42 6.16 -1.98
C GLN A 153 -0.86 5.34 -1.86
N HIS A 154 -0.91 4.21 -2.56
CA HIS A 154 -2.03 3.28 -2.42
C HIS A 154 -2.20 2.85 -0.94
N GLU A 155 -1.10 2.48 -0.28
CA GLU A 155 -1.19 2.08 1.13
C GLU A 155 -1.61 3.21 2.08
N ILE A 156 -1.01 4.39 1.93
CA ILE A 156 -1.34 5.52 2.79
C ILE A 156 -2.82 5.92 2.57
N ASP A 157 -3.29 5.82 1.33
CA ASP A 157 -4.72 6.04 1.05
C ASP A 157 -5.64 5.23 1.99
N HIS A 158 -5.30 3.95 2.21
CA HIS A 158 -6.07 3.08 3.11
C HIS A 158 -6.20 3.64 4.52
N LEU A 159 -5.16 4.32 4.99
CA LEU A 159 -5.13 4.93 6.31
C LEU A 159 -6.10 6.11 6.42
N ASN A 160 -6.55 6.60 5.27
CA ASN A 160 -7.46 7.73 5.20
C ASN A 160 -8.86 7.35 4.70
N GLY A 161 -9.13 6.06 4.62
CA GLY A 161 -10.43 5.55 4.16
C GLY A 161 -10.66 5.75 2.67
N VAL A 162 -9.56 5.80 1.92
CA VAL A 162 -9.60 6.02 0.46
C VAL A 162 -9.24 4.71 -0.26
N MET A 163 -10.06 4.34 -1.24
CA MET A 163 -9.87 3.13 -2.04
C MET A 163 -9.47 3.53 -3.44
N PHE A 164 -8.69 2.67 -4.11
CA PHE A 164 -8.09 3.02 -5.40
C PHE A 164 -9.11 3.54 -6.43
N TYR A 165 -10.29 2.93 -6.45
CA TYR A 165 -11.31 3.26 -7.45
C TYR A 165 -11.95 4.62 -7.28
N ASP A 166 -11.76 5.23 -6.09
CA ASP A 166 -12.20 6.60 -5.81
C ASP A 166 -11.57 7.60 -6.79
N HIS A 167 -10.37 7.26 -7.27
CA HIS A 167 -9.60 8.11 -8.16
C HIS A 167 -9.97 7.96 -9.64
N ILE A 168 -10.75 6.95 -9.99
CA ILE A 168 -11.01 6.63 -11.40
C ILE A 168 -12.08 7.55 -11.97
N ASP A 169 -11.76 8.16 -13.10
CA ASP A 169 -12.70 9.03 -13.80
C ASP A 169 -13.82 8.19 -14.42
N LYS A 170 -15.07 8.47 -14.09
CA LYS A 170 -16.17 7.64 -14.56
C LYS A 170 -16.45 7.80 -16.07
N ASP A 171 -16.25 9.02 -16.59
CA ASP A 171 -16.51 9.31 -17.99
C ASP A 171 -15.41 8.80 -18.93
N HIS A 172 -14.16 9.05 -18.55
CA HIS A 172 -13.02 8.66 -19.36
C HIS A 172 -12.00 7.91 -18.49
N PRO A 173 -12.38 6.69 -18.01
CA PRO A 173 -11.55 5.92 -17.07
C PRO A 173 -10.14 5.62 -17.58
N LEU A 174 -9.99 5.43 -18.89
CA LEU A 174 -8.69 5.03 -19.44
C LEU A 174 -7.88 6.15 -20.09
N GLN A 175 -8.34 7.39 -19.94
CA GLN A 175 -7.67 8.54 -20.52
C GLN A 175 -6.55 9.06 -19.60
N PRO A 176 -5.29 8.96 -20.05
CA PRO A 176 -4.18 9.48 -19.23
C PRO A 176 -4.21 11.00 -19.16
N HIS A 177 -3.88 11.55 -17.99
CA HIS A 177 -3.72 12.99 -17.83
C HIS A 177 -2.50 13.47 -18.61
N THR A 178 -2.60 14.71 -19.11
CA THR A 178 -1.50 15.33 -19.86
C THR A 178 -0.19 15.27 -19.04
N ASP A 179 0.89 14.83 -19.69
CA ASP A 179 2.23 14.77 -19.09
C ASP A 179 2.39 13.71 -17.97
N ALA A 180 1.33 12.94 -17.69
CA ALA A 180 1.41 11.86 -16.71
C ALA A 180 2.30 10.73 -17.20
N VAL A 181 3.09 10.18 -16.29
CA VAL A 181 4.06 9.16 -16.62
C VAL A 181 3.40 7.79 -16.58
N GLU A 182 3.50 7.04 -17.68
CA GLU A 182 3.12 5.62 -17.67
C GLU A 182 4.20 4.81 -16.98
N VAL A 183 3.84 4.18 -15.87
CA VAL A 183 4.76 3.34 -15.09
C VAL A 183 4.58 1.84 -15.36
N LEU A 184 5.63 1.16 -15.82
CA LEU A 184 5.60 -0.31 -16.00
C LEU A 184 6.33 -1.05 -14.87
N GLU A 185 5.76 -2.16 -14.40
CA GLU A 185 6.42 -3.03 -13.40
C GLU A 185 6.57 -4.45 -13.93
C MDB B . -1.32 -5.98 -4.25
N MDB B . -0.32 -7.33 -5.86
O MDB B . -0.73 -6.66 -3.42
CA MDB B . -1.56 -6.60 -5.61
CB MDB B . -2.80 -7.51 -5.68
CAA MDB B . -3.00 -8.02 -7.11
CAC MDB B . -2.67 -8.75 -4.78
CAD MDB B . -4.06 -6.74 -5.28
CAG MDB B . 0.55 -7.03 -6.82
OAH MDB B . 0.33 -6.12 -7.61
NAI MDB B . 1.63 -7.80 -6.85
CAJ MDB B . 2.68 -7.74 -7.72
CAK MDB B . 2.75 -6.81 -8.76
CAL MDB B . 3.84 -6.79 -9.62
CAM MDB B . 4.88 -7.71 -9.45
CAN MDB B . 4.82 -8.63 -8.41
CAP MDB B . 3.72 -8.64 -7.55
OAP MDB B . 3.67 -9.54 -6.51
CAQ MDB B . 4.77 -9.66 -5.61
NAS MDB B . -1.72 -4.72 -3.95
CAT MDB B . -1.44 -4.22 -2.60
CAU MDB B . -2.68 -3.82 -1.83
OAV MDB B . -3.74 -4.44 -1.91
NAW MDB B . -2.52 -2.75 -1.07
OAX MDB B . -3.53 -2.25 -0.26
CAY MDB B . -2.43 -3.77 -4.82
CAZ MDB B . -1.41 -2.94 -5.60
CBA MDB B . -2.11 -2.22 -6.76
CBB MDB B . -1.36 -0.90 -6.97
CBC MDB B . -0.45 -0.70 -5.77
CBD MDB B . -0.77 -1.82 -4.78
ZN ZN C . -5.31 -1.88 -1.38
#